data_1SW4
#
_entry.id   1SW4
#
_cell.length_a   63.730
_cell.length_b   75.740
_cell.length_c   66.980
_cell.angle_alpha   90.00
_cell.angle_beta   91.42
_cell.angle_gamma   90.00
#
_symmetry.space_group_name_H-M   'P 1 21 1'
#
loop_
_entity.id
_entity.type
_entity.pdbx_description
1 polymer 'osmoprotection protein (proX)'
2 non-polymer 'ZINC ION'
3 non-polymer 'CHLORIDE ION'
4 non-polymer 'TETRAMETHYLAMMONIUM ION'
5 water water
#
_entity_poly.entity_id   1
_entity_poly.type   'polypeptide(L)'
_entity_poly.pdbx_seq_one_letter_code
;GSQSSERVVIGSKPFNEQYILANMIAILLEENGYKAEVKEGLGGTLVNYEALKRNDIQLYVEYTGTAYNVILRKQPPELW
DQQYIFDEVKKGLLEADGVVVAAKLGFRDDYALAVRADWAEENGVEKISDLAEFADQLVFGSDPEFASRPDGLPQIKKVY
GFEFKEVKQMEPTLMYEAIKNKQVDVIPAYTTDSRVDLFNLKILEDDKGALPPYDAIIIVNGNTAKDEKLISVLKLLEDR
IDTDTMRALNYQYDVEKKDAREIAMSFLKEQGLVK
;
_entity_poly.pdbx_strand_id   A,B
#
# COMPACT_ATOMS: atom_id res chain seq x y z
N GLU A 6 -32.47 -7.34 2.06
CA GLU A 6 -31.98 -8.70 1.68
C GLU A 6 -30.87 -9.18 2.61
N ARG A 7 -30.67 -10.49 2.61
CA ARG A 7 -29.92 -11.22 3.64
C ARG A 7 -28.47 -11.34 3.18
N VAL A 8 -27.52 -11.06 4.09
CA VAL A 8 -26.10 -11.15 3.78
C VAL A 8 -25.35 -11.79 4.91
N VAL A 9 -24.76 -12.94 4.66
CA VAL A 9 -24.04 -13.70 5.66
C VAL A 9 -22.56 -13.54 5.33
N ILE A 10 -21.78 -13.17 6.35
CA ILE A 10 -20.38 -12.85 6.17
C ILE A 10 -19.59 -13.97 6.84
N GLY A 11 -18.66 -14.56 6.12
CA GLY A 11 -17.87 -15.65 6.65
C GLY A 11 -16.81 -15.08 7.55
N SER A 12 -16.11 -15.99 8.23
CA SER A 12 -14.93 -15.64 8.96
C SER A 12 -14.01 -16.83 9.29
N LYS A 13 -12.72 -16.58 9.14
CA LYS A 13 -11.69 -17.42 9.72
C LYS A 13 -11.52 -16.99 11.18
N PRO A 14 -10.94 -17.84 12.02
CA PRO A 14 -10.98 -17.66 13.48
C PRO A 14 -9.83 -16.86 14.09
N PHE A 15 -9.88 -15.57 13.83
CA PHE A 15 -8.98 -14.65 14.47
C PHE A 15 -9.50 -13.24 14.42
N ASN A 16 -8.96 -12.45 15.34
CA ASN A 16 -9.35 -11.10 15.65
C ASN A 16 -9.94 -10.29 14.51
N GLU A 17 -9.16 -10.07 13.45
CA GLU A 17 -9.57 -9.08 12.46
C GLU A 17 -10.69 -9.58 11.59
N GLN A 18 -10.74 -10.89 11.41
CA GLN A 18 -11.88 -11.51 10.76
C GLN A 18 -13.18 -11.15 11.47
N TYR A 19 -13.20 -11.27 12.78
CA TYR A 19 -14.40 -10.93 13.54
C TYR A 19 -14.70 -9.46 13.46
N ILE A 20 -13.64 -8.65 13.56
CA ILE A 20 -13.81 -7.20 13.56
C ILE A 20 -14.31 -6.70 12.21
N LEU A 21 -13.65 -7.13 11.15
CA LEU A 21 -13.99 -6.68 9.79
C LEU A 21 -15.36 -7.21 9.37
N ALA A 22 -15.65 -8.47 9.67
CA ALA A 22 -16.95 -9.05 9.31
C ALA A 22 -18.06 -8.20 9.92
N ASN A 23 -17.85 -7.77 11.17
CA ASN A 23 -18.81 -6.93 11.86
C ASN A 23 -18.86 -5.53 11.31
N MET A 24 -17.69 -5.03 10.92
CA MET A 24 -17.60 -3.76 10.25
C MET A 24 -18.46 -3.75 9.00
N ILE A 25 -18.32 -4.80 8.20
CA ILE A 25 -19.05 -4.93 6.96
C ILE A 25 -20.55 -5.03 7.29
N ALA A 26 -20.88 -5.81 8.30
CA ALA A 26 -22.26 -6.04 8.66
C ALA A 26 -22.95 -4.72 8.99
N ILE A 27 -22.27 -3.89 9.78
CA ILE A 27 -22.82 -2.61 10.18
C ILE A 27 -23.04 -1.72 8.97
N LEU A 28 -22.10 -1.73 8.03
CA LEU A 28 -22.23 -0.87 6.88
C LEU A 28 -23.37 -1.34 5.99
N LEU A 29 -23.46 -2.64 5.82
CA LEU A 29 -24.55 -3.23 5.04
C LEU A 29 -25.91 -2.90 5.67
N GLU A 30 -26.03 -3.15 6.98
CA GLU A 30 -27.23 -2.81 7.77
C GLU A 30 -27.61 -1.34 7.73
N GLU A 31 -26.63 -0.46 7.68
CA GLU A 31 -26.88 0.96 7.50
C GLU A 31 -27.41 1.31 6.09
N ASN A 32 -27.29 0.36 5.16
CA ASN A 32 -27.69 0.53 3.76
C ASN A 32 -28.81 -0.44 3.35
N GLY A 33 -29.55 -0.93 4.34
CA GLY A 33 -30.81 -1.63 4.10
C GLY A 33 -30.75 -3.14 4.16
N TYR A 34 -29.57 -3.71 4.39
CA TYR A 34 -29.41 -5.17 4.41
C TYR A 34 -29.57 -5.70 5.82
N LYS A 35 -29.95 -6.95 5.92
CA LYS A 35 -29.89 -7.68 7.18
C LYS A 35 -28.64 -8.51 7.09
N ALA A 36 -27.60 -8.11 7.82
CA ALA A 36 -26.31 -8.79 7.74
C ALA A 36 -26.04 -9.59 9.01
N GLU A 37 -25.41 -10.74 8.84
CA GLU A 37 -24.98 -11.56 9.95
C GLU A 37 -23.54 -11.97 9.73
N VAL A 38 -22.83 -12.18 10.82
CA VAL A 38 -21.48 -12.67 10.75
C VAL A 38 -21.55 -14.11 11.17
N LYS A 39 -21.14 -15.03 10.30
CA LYS A 39 -21.05 -16.45 10.66
C LYS A 39 -19.63 -16.74 11.16
N GLU A 40 -19.58 -17.44 12.28
CA GLU A 40 -18.35 -17.78 12.98
C GLU A 40 -18.26 -19.28 13.13
N GLY A 41 -17.04 -19.79 13.14
CA GLY A 41 -16.79 -21.19 13.42
C GLY A 41 -16.87 -22.15 12.25
N LEU A 42 -16.98 -21.65 11.03
CA LEU A 42 -16.98 -22.50 9.84
C LEU A 42 -15.68 -23.27 9.74
N GLY A 43 -14.60 -22.63 10.16
CA GLY A 43 -13.26 -23.14 10.00
C GLY A 43 -12.43 -22.12 9.24
N GLY A 44 -11.50 -22.63 8.44
CA GLY A 44 -10.48 -21.81 7.83
C GLY A 44 -10.78 -21.41 6.42
N THR A 45 -9.70 -21.19 5.69
CA THR A 45 -9.74 -20.69 4.35
C THR A 45 -10.57 -21.57 3.43
N LEU A 46 -10.27 -22.86 3.41
CA LEU A 46 -10.89 -23.74 2.41
C LEU A 46 -12.39 -23.85 2.68
N VAL A 47 -12.78 -23.93 3.95
CA VAL A 47 -14.18 -24.12 4.28
C VAL A 47 -14.97 -22.84 4.04
N ASN A 48 -14.34 -21.69 4.30
CA ASN A 48 -14.96 -20.41 4.01
C ASN A 48 -15.12 -20.21 2.50
N TYR A 49 -14.13 -20.59 1.71
CA TYR A 49 -14.21 -20.40 0.27
C TYR A 49 -15.25 -21.36 -0.32
N GLU A 50 -15.24 -22.60 0.13
CA GLU A 50 -16.27 -23.56 -0.29
C GLU A 50 -17.64 -22.99 0.04
N ALA A 51 -17.81 -22.47 1.27
CA ALA A 51 -19.06 -21.85 1.70
C ALA A 51 -19.48 -20.68 0.82
N LEU A 52 -18.49 -19.91 0.39
CA LEU A 52 -18.73 -18.75 -0.47
C LEU A 52 -19.24 -19.19 -1.84
N LYS A 53 -18.61 -20.23 -2.39
CA LYS A 53 -18.93 -20.76 -3.71
C LYS A 53 -20.40 -21.21 -3.76
N ARG A 54 -20.82 -21.99 -2.77
CA ARG A 54 -22.16 -22.59 -2.77
C ARG A 54 -23.22 -21.69 -2.12
N ASN A 55 -22.81 -20.46 -1.78
CA ASN A 55 -23.68 -19.41 -1.27
C ASN A 55 -24.19 -19.61 0.16
N ASP A 56 -23.52 -20.46 0.94
CA ASP A 56 -23.76 -20.50 2.39
C ASP A 56 -23.43 -19.16 3.01
N ILE A 57 -22.37 -18.54 2.51
CA ILE A 57 -22.06 -17.16 2.83
C ILE A 57 -21.99 -16.37 1.54
N GLN A 58 -22.09 -15.07 1.65
CA GLN A 58 -22.13 -14.20 0.51
C GLN A 58 -20.77 -13.54 0.27
N LEU A 59 -20.02 -13.36 1.33
CA LEU A 59 -18.73 -12.68 1.23
C LEU A 59 -17.92 -12.91 2.48
N TYR A 60 -16.62 -12.81 2.35
CA TYR A 60 -15.78 -12.79 3.54
C TYR A 60 -14.45 -12.09 3.23
N VAL A 61 -13.61 -11.97 4.25
CA VAL A 61 -12.35 -11.25 4.13
C VAL A 61 -11.27 -12.28 3.92
N GLU A 62 -10.71 -12.28 2.72
CA GLU A 62 -9.64 -13.19 2.36
C GLU A 62 -8.36 -12.37 2.23
N TYR A 63 -7.22 -13.02 2.01
CA TYR A 63 -5.95 -12.33 1.76
C TYR A 63 -5.41 -12.77 0.40
N THR A 64 -4.76 -11.90 -0.34
CA THR A 64 -4.28 -12.23 -1.69
C THR A 64 -3.36 -13.45 -1.72
N GLY A 65 -2.37 -13.50 -0.84
CA GLY A 65 -1.41 -14.58 -0.84
C GLY A 65 -2.04 -15.92 -0.55
N THR A 66 -3.10 -15.91 0.24
CA THR A 66 -3.87 -17.11 0.54
C THR A 66 -4.69 -17.53 -0.67
N ALA A 67 -5.39 -16.57 -1.28
CA ALA A 67 -6.18 -16.86 -2.46
C ALA A 67 -5.29 -17.44 -3.56
N TYR A 68 -4.14 -16.82 -3.78
CA TYR A 68 -3.15 -17.28 -4.73
C TYR A 68 -2.66 -18.70 -4.46
N ASN A 69 -2.18 -18.96 -3.26
CA ASN A 69 -1.47 -20.21 -3.03
C ASN A 69 -2.39 -21.34 -2.63
N VAL A 70 -3.39 -21.01 -1.83
CA VAL A 70 -4.23 -22.03 -1.24
C VAL A 70 -5.45 -22.31 -2.11
N ILE A 71 -6.21 -21.26 -2.42
CA ILE A 71 -7.50 -21.43 -3.09
C ILE A 71 -7.24 -21.76 -4.56
N LEU A 72 -6.46 -20.92 -5.23
CA LEU A 72 -6.17 -21.06 -6.65
C LEU A 72 -5.01 -22.03 -6.94
N ARG A 73 -4.29 -22.42 -5.88
CA ARG A 73 -3.21 -23.40 -5.97
C ARG A 73 -2.21 -23.10 -7.09
N LYS A 74 -1.95 -21.81 -7.30
CA LYS A 74 -1.02 -21.34 -8.32
C LYS A 74 0.40 -21.44 -7.79
N GLN A 75 1.36 -21.35 -8.71
CA GLN A 75 2.76 -21.58 -8.38
C GLN A 75 3.41 -20.28 -7.96
N PRO A 76 4.19 -20.30 -6.88
CA PRO A 76 4.98 -19.13 -6.49
C PRO A 76 5.87 -18.66 -7.63
N PRO A 77 5.80 -17.39 -8.04
CA PRO A 77 6.78 -16.85 -8.99
C PRO A 77 8.14 -16.86 -8.35
N GLU A 78 9.15 -16.46 -9.10
CA GLU A 78 10.48 -16.40 -8.51
C GLU A 78 10.52 -15.28 -7.46
N LEU A 79 9.84 -14.17 -7.71
CA LEU A 79 9.72 -13.07 -6.73
C LEU A 79 8.25 -12.79 -6.44
N TRP A 80 7.93 -12.52 -5.19
CA TRP A 80 6.58 -12.11 -4.82
C TRP A 80 6.41 -10.61 -5.05
N ASP A 81 5.35 -10.28 -5.79
CA ASP A 81 5.02 -8.90 -6.10
C ASP A 81 3.56 -8.72 -5.74
N GLN A 82 3.32 -7.86 -4.77
CA GLN A 82 1.99 -7.63 -4.24
C GLN A 82 0.92 -7.32 -5.28
N GLN A 83 1.13 -6.33 -6.12
CA GLN A 83 0.09 -6.01 -7.08
C GLN A 83 -0.08 -7.13 -8.10
N TYR A 84 1.01 -7.79 -8.49
CA TYR A 84 0.89 -8.91 -9.41
C TYR A 84 0.00 -10.00 -8.80
N ILE A 85 0.22 -10.34 -7.53
CA ILE A 85 -0.54 -11.39 -6.88
C ILE A 85 -2.00 -10.96 -6.77
N PHE A 86 -2.23 -9.68 -6.48
CA PHE A 86 -3.60 -9.21 -6.39
C PHE A 86 -4.31 -9.38 -7.75
N ASP A 87 -3.64 -8.97 -8.83
CA ASP A 87 -4.22 -9.01 -10.18
C ASP A 87 -4.58 -10.44 -10.57
N GLU A 88 -3.70 -11.37 -10.23
CA GLU A 88 -3.87 -12.78 -10.56
C GLU A 88 -4.95 -13.45 -9.73
N VAL A 89 -5.06 -13.01 -8.48
CA VAL A 89 -6.07 -13.53 -7.57
C VAL A 89 -7.43 -13.07 -8.07
N LYS A 90 -7.58 -11.78 -8.34
CA LYS A 90 -8.81 -11.20 -8.86
C LYS A 90 -9.28 -11.88 -10.15
N LYS A 91 -8.34 -12.16 -11.05
CA LYS A 91 -8.66 -12.85 -12.30
C LYS A 91 -8.94 -14.34 -12.09
N GLY A 92 -8.16 -14.98 -11.25
CA GLY A 92 -8.30 -16.41 -11.01
C GLY A 92 -9.57 -16.77 -10.26
N LEU A 93 -9.92 -15.97 -9.25
CA LEU A 93 -11.16 -16.21 -8.50
C LEU A 93 -12.37 -15.98 -9.41
N LEU A 94 -12.30 -14.96 -10.24
CA LEU A 94 -13.37 -14.67 -11.17
C LEU A 94 -13.48 -15.80 -12.20
N GLU A 95 -12.35 -16.18 -12.77
CA GLU A 95 -12.36 -17.17 -13.85
C GLU A 95 -12.83 -18.50 -13.32
N ALA A 96 -12.34 -18.87 -12.14
CA ALA A 96 -12.63 -20.19 -11.56
C ALA A 96 -14.08 -20.31 -11.05
N ASP A 97 -14.51 -19.36 -10.22
CA ASP A 97 -15.76 -19.52 -9.48
C ASP A 97 -16.70 -18.35 -9.57
N GLY A 98 -16.33 -17.34 -10.34
CA GLY A 98 -17.16 -16.15 -10.45
C GLY A 98 -17.06 -15.26 -9.21
N VAL A 99 -16.07 -15.55 -8.38
CA VAL A 99 -15.85 -14.77 -7.17
C VAL A 99 -15.22 -13.43 -7.54
N VAL A 100 -15.76 -12.39 -6.93
CA VAL A 100 -15.38 -11.01 -7.21
C VAL A 100 -14.57 -10.46 -6.04
N VAL A 101 -13.45 -9.82 -6.34
CA VAL A 101 -12.73 -9.06 -5.32
C VAL A 101 -13.37 -7.66 -5.28
N ALA A 102 -14.13 -7.40 -4.24
CA ALA A 102 -14.93 -6.17 -4.14
C ALA A 102 -14.09 -5.00 -3.69
N ALA A 103 -13.16 -5.30 -2.80
CA ALA A 103 -12.36 -4.26 -2.18
C ALA A 103 -11.07 -4.76 -1.56
N LYS A 104 -10.07 -3.90 -1.61
CA LYS A 104 -8.85 -4.04 -0.86
C LYS A 104 -9.09 -3.22 0.39
N LEU A 105 -8.89 -3.82 1.56
CA LEU A 105 -9.16 -3.14 2.82
C LEU A 105 -8.14 -2.09 3.21
N GLY A 106 -6.91 -2.26 2.75
CA GLY A 106 -5.82 -1.33 2.99
C GLY A 106 -4.65 -1.85 3.79
N PHE A 107 -4.69 -3.13 4.15
CA PHE A 107 -3.65 -3.67 4.99
C PHE A 107 -3.28 -5.08 4.65
N ARG A 108 -1.99 -5.36 4.82
CA ARG A 108 -1.48 -6.71 4.89
C ARG A 108 -1.43 -7.26 6.30
N ASP A 109 -1.85 -8.50 6.43
CA ASP A 109 -1.68 -9.27 7.63
C ASP A 109 -0.94 -10.52 7.16
N ASP A 110 0.39 -10.41 7.15
CA ASP A 110 1.23 -11.48 6.68
C ASP A 110 1.49 -12.53 7.74
N TYR A 111 1.68 -13.74 7.25
CA TYR A 111 2.43 -14.73 8.03
C TYR A 111 3.83 -14.20 8.08
N ALA A 112 4.41 -14.26 9.27
CA ALA A 112 5.81 -13.93 9.53
C ALA A 112 6.26 -14.83 10.67
N LEU A 113 7.38 -15.52 10.49
CA LEU A 113 7.89 -16.42 11.51
C LEU A 113 8.42 -15.60 12.64
N ALA A 114 8.06 -16.01 13.85
CA ALA A 114 8.46 -15.29 15.05
C ALA A 114 9.07 -16.26 16.04
N VAL A 115 10.05 -15.75 16.77
CA VAL A 115 10.68 -16.48 17.85
C VAL A 115 10.68 -15.58 19.04
N ARG A 116 11.00 -16.12 20.21
CA ARG A 116 11.13 -15.30 21.42
C ARG A 116 12.34 -14.41 21.25
N ALA A 117 12.21 -13.14 21.61
CA ALA A 117 13.27 -12.17 21.32
C ALA A 117 14.55 -12.54 22.04
N ASP A 118 14.43 -13.02 23.27
CA ASP A 118 15.61 -13.28 24.09
C ASP A 118 16.43 -14.45 23.52
N TRP A 119 15.73 -15.45 22.97
CA TRP A 119 16.35 -16.60 22.29
C TRP A 119 17.05 -16.15 21.01
N ALA A 120 16.38 -15.28 20.27
CA ALA A 120 16.92 -14.78 19.01
C ALA A 120 18.18 -13.98 19.26
N GLU A 121 18.16 -13.21 20.34
CA GLU A 121 19.25 -12.31 20.70
C GLU A 121 20.49 -13.12 21.06
N GLU A 122 20.28 -14.15 21.88
CA GLU A 122 21.35 -15.05 22.30
C GLU A 122 21.99 -15.77 21.11
N ASN A 123 21.17 -16.11 20.12
CA ASN A 123 21.63 -16.96 19.03
C ASN A 123 21.94 -16.19 17.74
N GLY A 124 21.81 -14.88 17.77
CA GLY A 124 22.03 -14.04 16.60
C GLY A 124 21.10 -14.38 15.44
N VAL A 125 19.83 -14.63 15.77
CA VAL A 125 18.85 -14.97 14.77
C VAL A 125 18.09 -13.69 14.44
N GLU A 126 18.19 -13.27 13.18
CA GLU A 126 17.52 -12.07 12.66
C GLU A 126 16.61 -12.37 11.49
N LYS A 127 16.93 -13.42 10.74
CA LYS A 127 16.18 -13.78 9.54
C LYS A 127 15.86 -15.26 9.53
N ILE A 128 14.98 -15.69 8.63
CA ILE A 128 14.53 -17.08 8.65
C ILE A 128 15.70 -18.04 8.35
N SER A 129 16.64 -17.66 7.50
CA SER A 129 17.72 -18.59 7.20
C SER A 129 18.65 -18.80 8.40
N ASP A 130 18.69 -17.86 9.35
CA ASP A 130 19.41 -18.08 10.61
C ASP A 130 18.82 -19.24 11.42
N LEU A 131 17.56 -19.57 11.20
CA LEU A 131 16.94 -20.70 11.89
C LEU A 131 17.48 -22.07 11.48
N ALA A 132 18.06 -22.14 10.28
CA ALA A 132 18.57 -23.38 9.68
C ALA A 132 19.44 -24.17 10.64
N GLU A 133 20.38 -23.48 11.29
CA GLU A 133 21.24 -24.11 12.30
C GLU A 133 20.45 -24.80 13.40
N PHE A 134 19.31 -24.20 13.76
CA PHE A 134 18.53 -24.63 14.92
C PHE A 134 17.26 -25.37 14.62
N ALA A 135 16.83 -25.38 13.36
CA ALA A 135 15.46 -25.73 13.02
C ALA A 135 15.07 -27.11 13.47
N ASP A 136 15.99 -28.07 13.32
CA ASP A 136 15.66 -29.45 13.66
C ASP A 136 15.66 -29.72 15.17
N GLN A 137 15.92 -28.68 15.95
CA GLN A 137 15.74 -28.71 17.41
C GLN A 137 14.54 -27.90 17.92
N LEU A 138 13.85 -27.19 17.04
CA LEU A 138 12.77 -26.27 17.45
C LEU A 138 11.38 -26.85 17.25
N VAL A 139 10.49 -26.50 18.16
CA VAL A 139 9.08 -26.85 18.01
C VAL A 139 8.35 -25.69 17.35
N PHE A 140 7.59 -26.01 16.32
CA PHE A 140 6.83 -25.04 15.58
C PHE A 140 5.39 -25.10 16.03
N GLY A 141 4.80 -23.93 16.30
CA GLY A 141 3.43 -23.83 16.76
C GLY A 141 2.63 -23.18 15.66
N SER A 142 2.00 -24.02 14.84
CA SER A 142 1.22 -23.54 13.74
C SER A 142 -0.13 -23.07 14.23
N ASP A 143 -0.72 -22.17 13.47
CA ASP A 143 -2.16 -21.97 13.53
C ASP A 143 -2.78 -23.20 12.84
N PRO A 144 -4.09 -23.26 12.62
CA PRO A 144 -4.70 -24.45 11.99
C PRO A 144 -4.31 -24.72 10.53
N GLU A 145 -3.73 -23.75 9.83
CA GLU A 145 -3.51 -23.86 8.41
C GLU A 145 -2.04 -23.89 7.97
N PHE A 146 -1.19 -23.12 8.64
CA PHE A 146 0.18 -22.87 8.18
C PHE A 146 0.98 -24.14 7.98
N ALA A 147 0.84 -25.09 8.89
CA ALA A 147 1.61 -26.33 8.82
C ALA A 147 1.38 -27.08 7.50
N SER A 148 0.15 -27.08 7.01
CA SER A 148 -0.21 -27.91 5.86
C SER A 148 -0.35 -27.15 4.53
N ARG A 149 -0.61 -25.85 4.58
CA ARG A 149 -0.77 -25.00 3.41
C ARG A 149 0.46 -25.00 2.53
N PRO A 150 0.30 -24.93 1.21
CA PRO A 150 1.46 -24.96 0.31
C PRO A 150 2.38 -23.75 0.49
N ASP A 151 1.85 -22.61 0.93
CA ASP A 151 2.66 -21.42 1.25
C ASP A 151 3.11 -21.37 2.70
N GLY A 152 2.86 -22.43 3.47
CA GLY A 152 3.24 -22.48 4.85
C GLY A 152 4.55 -23.23 5.07
N LEU A 153 4.55 -24.18 5.99
CA LEU A 153 5.79 -24.94 6.27
C LEU A 153 6.36 -25.65 5.02
N PRO A 154 5.52 -26.22 4.14
CA PRO A 154 6.03 -26.81 2.90
C PRO A 154 6.81 -25.80 2.05
N GLN A 155 6.37 -24.55 2.07
CA GLN A 155 7.14 -23.49 1.44
C GLN A 155 8.41 -23.15 2.23
N ILE A 156 8.36 -23.14 3.55
CA ILE A 156 9.58 -22.94 4.33
C ILE A 156 10.57 -24.08 4.04
N LYS A 157 10.07 -25.31 3.99
CA LYS A 157 10.89 -26.49 3.71
C LYS A 157 11.61 -26.36 2.37
N LYS A 158 10.83 -26.07 1.33
CA LYS A 158 11.35 -25.98 -0.04
C LYS A 158 12.34 -24.82 -0.23
N VAL A 159 12.01 -23.65 0.30
CA VAL A 159 12.81 -22.46 -0.01
C VAL A 159 14.04 -22.33 0.89
N TYR A 160 13.91 -22.74 2.15
CA TYR A 160 15.01 -22.61 3.11
C TYR A 160 15.73 -23.94 3.38
N GLY A 161 15.06 -25.04 3.09
CA GLY A 161 15.69 -26.34 3.15
C GLY A 161 15.72 -26.91 4.54
N PHE A 162 14.76 -26.54 5.38
CA PHE A 162 14.63 -27.17 6.68
C PHE A 162 13.19 -27.38 7.16
N GLU A 163 13.05 -28.36 8.03
CA GLU A 163 11.82 -28.62 8.75
C GLU A 163 12.14 -28.52 10.23
N PHE A 164 11.10 -28.26 11.01
CA PHE A 164 11.24 -28.16 12.44
C PHE A 164 11.10 -29.54 13.03
N LYS A 165 11.63 -29.69 14.23
CA LYS A 165 11.65 -30.95 14.97
C LYS A 165 10.23 -31.47 15.18
N GLU A 166 9.32 -30.56 15.54
CA GLU A 166 7.94 -30.92 15.84
C GLU A 166 7.00 -29.81 15.40
N VAL A 167 5.81 -30.16 14.96
CA VAL A 167 4.79 -29.19 14.62
C VAL A 167 3.56 -29.47 15.46
N LYS A 168 3.21 -28.51 16.31
CA LYS A 168 1.92 -28.47 16.98
C LYS A 168 1.00 -27.51 16.23
N GLN A 169 -0.29 -27.83 16.16
CA GLN A 169 -1.28 -26.90 15.62
C GLN A 169 -2.21 -26.46 16.74
N MET A 170 -2.66 -25.21 16.67
CA MET A 170 -3.61 -24.68 17.65
C MET A 170 -4.37 -23.53 17.00
N GLU A 171 -5.44 -23.06 17.64
CA GLU A 171 -6.16 -21.90 17.11
C GLU A 171 -5.21 -20.70 17.06
N PRO A 172 -5.40 -19.78 16.10
CA PRO A 172 -4.47 -18.67 15.93
C PRO A 172 -4.16 -17.91 17.19
N THR A 173 -5.20 -17.59 17.96
CA THR A 173 -5.04 -16.72 19.10
C THR A 173 -4.15 -17.30 20.20
N LEU A 174 -4.06 -18.62 20.26
CA LEU A 174 -3.23 -19.33 21.25
C LEU A 174 -1.73 -19.38 20.92
N MET A 175 -1.34 -19.08 19.68
CA MET A 175 0.06 -19.10 19.27
C MET A 175 0.95 -18.28 20.17
N TYR A 176 0.48 -17.09 20.50
CA TYR A 176 1.30 -16.03 21.05
C TYR A 176 1.70 -16.33 22.48
N GLU A 177 0.76 -16.83 23.28
CA GLU A 177 1.08 -17.26 24.63
C GLU A 177 1.85 -18.59 24.57
N ALA A 178 1.49 -19.48 23.64
CA ALA A 178 2.19 -20.76 23.53
C ALA A 178 3.69 -20.60 23.34
N ILE A 179 4.08 -19.69 22.46
CA ILE A 179 5.49 -19.40 22.24
C ILE A 179 6.07 -18.62 23.40
N LYS A 180 5.33 -17.67 23.95
CA LYS A 180 5.83 -16.93 25.10
C LYS A 180 6.16 -17.88 26.25
N ASN A 181 5.29 -18.87 26.47
CA ASN A 181 5.42 -19.80 27.60
C ASN A 181 6.32 -21.00 27.28
N LYS A 182 6.95 -20.96 26.10
CA LYS A 182 7.91 -21.97 25.65
C LYS A 182 7.29 -23.35 25.35
N GLN A 183 5.97 -23.41 25.14
CA GLN A 183 5.33 -24.63 24.61
C GLN A 183 5.75 -24.90 23.15
N VAL A 184 6.02 -23.83 22.41
CA VAL A 184 6.64 -23.93 21.09
C VAL A 184 7.75 -22.88 20.98
N ASP A 185 8.57 -22.97 19.94
CA ASP A 185 9.70 -22.07 19.76
C ASP A 185 9.55 -21.12 18.59
N VAL A 186 8.73 -21.49 17.60
CA VAL A 186 8.55 -20.68 16.40
C VAL A 186 7.05 -20.67 16.05
N ILE A 187 6.52 -19.52 15.67
CA ILE A 187 5.12 -19.45 15.26
C ILE A 187 5.05 -18.64 13.96
N PRO A 188 4.04 -18.87 13.13
CA PRO A 188 3.78 -17.99 12.01
C PRO A 188 2.87 -16.92 12.54
N ALA A 189 3.50 -15.91 13.14
CA ALA A 189 2.82 -14.78 13.73
C ALA A 189 2.10 -14.06 12.63
N TYR A 190 0.99 -13.45 12.99
CA TYR A 190 0.23 -12.60 12.10
C TYR A 190 0.75 -11.19 12.30
N THR A 191 1.15 -10.50 11.24
CA THR A 191 1.77 -9.19 11.43
C THR A 191 0.82 -8.10 11.89
N THR A 192 -0.50 -8.34 11.88
CA THR A 192 -1.40 -7.37 12.48
C THR A 192 -1.66 -7.62 13.97
N ASP A 193 -0.88 -8.50 14.59
CA ASP A 193 -1.08 -8.84 16.00
C ASP A 193 0.03 -8.30 16.87
N SER A 194 -0.31 -7.28 17.64
CA SER A 194 0.63 -6.61 18.51
C SER A 194 1.09 -7.50 19.65
N ARG A 195 0.54 -8.68 19.83
CA ARG A 195 1.04 -9.56 20.89
C ARG A 195 2.45 -10.06 20.57
N VAL A 196 2.87 -9.93 19.31
CA VAL A 196 4.29 -10.09 18.97
C VAL A 196 5.17 -9.17 19.83
N ASP A 197 4.88 -7.88 19.84
CA ASP A 197 5.64 -6.95 20.67
C ASP A 197 5.35 -7.19 22.14
N LEU A 198 4.06 -7.38 22.47
CA LEU A 198 3.66 -7.43 23.87
C LEU A 198 4.36 -8.60 24.58
N PHE A 199 4.48 -9.74 23.90
CA PHE A 199 5.02 -10.95 24.52
C PHE A 199 6.51 -11.13 24.27
N ASN A 200 7.14 -10.08 23.74
CA ASN A 200 8.56 -10.04 23.54
C ASN A 200 9.03 -11.04 22.49
N LEU A 201 8.32 -11.10 21.38
CA LEU A 201 8.66 -12.00 20.29
C LEU A 201 9.37 -11.19 19.23
N LYS A 202 10.08 -11.87 18.34
CA LYS A 202 10.81 -11.22 17.27
C LYS A 202 10.43 -11.84 15.94
N ILE A 203 9.82 -11.03 15.07
CA ILE A 203 9.60 -11.38 13.68
C ILE A 203 10.96 -11.49 12.99
N LEU A 204 11.14 -12.58 12.27
CA LEU A 204 12.32 -12.80 11.45
C LEU A 204 12.08 -12.31 10.05
N GLU A 205 13.12 -11.74 9.46
CA GLU A 205 13.10 -11.32 8.08
C GLU A 205 12.95 -12.58 7.23
N ASP A 206 12.01 -12.53 6.30
CA ASP A 206 11.90 -13.57 5.27
C ASP A 206 12.92 -13.27 4.17
N ASP A 207 14.18 -13.60 4.44
CA ASP A 207 15.29 -13.14 3.58
C ASP A 207 15.35 -13.81 2.20
N LYS A 208 14.77 -14.99 2.09
CA LYS A 208 14.69 -15.68 0.79
C LYS A 208 13.33 -15.52 0.11
N GLY A 209 12.46 -14.69 0.68
CA GLY A 209 11.17 -14.36 0.09
C GLY A 209 10.25 -15.55 -0.13
N ALA A 210 10.19 -16.43 0.85
CA ALA A 210 9.36 -17.61 0.76
C ALA A 210 7.87 -17.27 0.83
N LEU A 211 7.52 -16.32 1.68
CA LEU A 211 6.12 -16.11 1.97
C LEU A 211 5.57 -14.98 1.12
N PRO A 212 4.37 -15.16 0.59
CA PRO A 212 3.74 -14.13 -0.21
C PRO A 212 3.20 -12.97 0.63
N PRO A 213 2.80 -11.90 -0.04
CA PRO A 213 2.02 -10.85 0.61
C PRO A 213 0.61 -11.34 0.85
N TYR A 214 0.03 -10.93 1.97
CA TYR A 214 -1.33 -11.29 2.34
C TYR A 214 -2.17 -10.03 2.46
N ASP A 215 -2.48 -9.41 1.34
CA ASP A 215 -3.28 -8.20 1.34
C ASP A 215 -4.76 -8.57 1.56
N ALA A 216 -5.37 -7.90 2.53
CA ALA A 216 -6.73 -8.18 2.94
C ALA A 216 -7.71 -7.66 1.90
N ILE A 217 -8.58 -8.56 1.44
CA ILE A 217 -9.52 -8.22 0.39
C ILE A 217 -10.87 -8.77 0.77
N ILE A 218 -11.92 -8.04 0.41
CA ILE A 218 -13.27 -8.57 0.56
C ILE A 218 -13.65 -9.33 -0.72
N ILE A 219 -13.94 -10.61 -0.61
CA ILE A 219 -14.39 -11.37 -1.76
C ILE A 219 -15.86 -11.77 -1.60
N VAL A 220 -16.56 -11.79 -2.71
CA VAL A 220 -18.01 -11.84 -2.79
C VAL A 220 -18.30 -12.95 -3.82
N ASN A 221 -19.29 -13.81 -3.59
CA ASN A 221 -19.61 -14.79 -4.64
C ASN A 221 -20.35 -14.13 -5.78
N GLY A 222 -20.36 -14.78 -6.93
CA GLY A 222 -20.76 -14.14 -8.15
C GLY A 222 -22.19 -13.63 -8.11
N ASN A 223 -23.08 -14.40 -7.51
CA ASN A 223 -24.50 -14.03 -7.52
C ASN A 223 -24.75 -12.82 -6.64
N THR A 224 -24.05 -12.74 -5.52
CA THR A 224 -24.14 -11.58 -4.65
C THR A 224 -23.54 -10.33 -5.31
N ALA A 225 -22.47 -10.50 -6.07
CA ALA A 225 -21.79 -9.37 -6.71
C ALA A 225 -22.62 -8.69 -7.82
N LYS A 226 -23.66 -9.37 -8.30
CA LYS A 226 -24.63 -8.74 -9.22
C LYS A 226 -25.33 -7.56 -8.56
N ASP A 227 -25.49 -7.64 -7.25
CA ASP A 227 -26.05 -6.56 -6.44
C ASP A 227 -25.06 -5.40 -6.34
N GLU A 228 -25.28 -4.36 -7.15
CA GLU A 228 -24.32 -3.28 -7.28
C GLU A 228 -24.29 -2.42 -6.03
N LYS A 229 -25.46 -2.20 -5.44
CA LYS A 229 -25.57 -1.41 -4.22
C LYS A 229 -24.80 -2.07 -3.08
N LEU A 230 -24.95 -3.38 -2.95
CA LEU A 230 -24.20 -4.16 -1.97
C LEU A 230 -22.70 -3.96 -2.23
N ILE A 231 -22.28 -4.17 -3.48
CA ILE A 231 -20.87 -3.99 -3.86
C ILE A 231 -20.34 -2.60 -3.50
N SER A 232 -21.15 -1.57 -3.76
CA SER A 232 -20.77 -0.20 -3.50
C SER A 232 -20.61 0.08 -2.00
N VAL A 233 -21.36 -0.62 -1.16
CA VAL A 233 -21.23 -0.48 0.29
C VAL A 233 -19.86 -1.06 0.70
N LEU A 234 -19.54 -2.23 0.19
CA LEU A 234 -18.25 -2.88 0.48
C LEU A 234 -17.09 -1.98 0.07
N LYS A 235 -17.24 -1.25 -1.02
CA LYS A 235 -16.19 -0.37 -1.54
C LYS A 235 -15.98 0.88 -0.68
N LEU A 236 -16.88 1.12 0.27
CA LEU A 236 -16.67 2.19 1.22
C LEU A 236 -15.44 1.93 2.08
N LEU A 237 -15.04 0.66 2.20
CA LEU A 237 -13.88 0.26 2.95
C LEU A 237 -12.58 0.20 2.16
N GLU A 238 -12.62 0.50 0.87
CA GLU A 238 -11.44 0.48 0.02
C GLU A 238 -10.32 1.32 0.64
N ASP A 239 -9.23 0.64 0.99
CA ASP A 239 -8.00 1.23 1.52
C ASP A 239 -8.14 1.94 2.88
N ARG A 240 -9.30 1.78 3.53
CA ARG A 240 -9.64 2.54 4.73
C ARG A 240 -8.95 2.05 6.01
N ILE A 241 -8.46 0.82 5.99
CA ILE A 241 -7.89 0.19 7.18
C ILE A 241 -6.45 -0.20 6.91
N ASP A 242 -5.51 0.54 7.48
CA ASP A 242 -4.10 0.24 7.32
C ASP A 242 -3.64 -0.71 8.42
N THR A 243 -2.37 -1.11 8.38
CA THR A 243 -1.91 -2.18 9.28
C THR A 243 -1.92 -1.75 10.73
N ASP A 244 -1.56 -0.50 11.00
CA ASP A 244 -1.55 0.01 12.37
C ASP A 244 -2.96 0.16 12.91
N THR A 245 -3.90 0.56 12.07
CA THR A 245 -5.28 0.63 12.50
C THR A 245 -5.77 -0.78 12.82
N MET A 246 -5.54 -1.71 11.92
CA MET A 246 -5.99 -3.09 12.16
C MET A 246 -5.35 -3.69 13.42
N ARG A 247 -4.06 -3.46 13.61
CA ARG A 247 -3.36 -3.92 14.81
C ARG A 247 -3.98 -3.35 16.09
N ALA A 248 -4.36 -2.09 16.05
CA ALA A 248 -4.96 -1.40 17.19
C ALA A 248 -6.33 -2.01 17.47
N LEU A 249 -7.08 -2.31 16.40
CA LEU A 249 -8.42 -2.85 16.56
C LEU A 249 -8.28 -4.28 17.09
N ASN A 250 -7.34 -5.04 16.54
CA ASN A 250 -7.00 -6.37 17.06
C ASN A 250 -6.61 -6.39 18.55
N TYR A 251 -5.86 -5.38 18.96
CA TYR A 251 -5.45 -5.28 20.35
C TYR A 251 -6.67 -5.13 21.24
N GLN A 252 -7.61 -4.29 20.81
CA GLN A 252 -8.85 -4.08 21.50
C GLN A 252 -9.66 -5.36 21.62
N TYR A 253 -9.58 -6.23 20.63
CA TYR A 253 -10.20 -7.55 20.69
C TYR A 253 -9.44 -8.52 21.59
N ASP A 254 -8.14 -8.71 21.35
CA ASP A 254 -7.40 -9.79 22.02
C ASP A 254 -6.94 -9.46 23.44
N VAL A 255 -6.60 -8.20 23.68
CA VAL A 255 -6.12 -7.78 24.99
C VAL A 255 -7.22 -7.08 25.81
N GLU A 256 -7.93 -6.13 25.21
CA GLU A 256 -9.00 -5.43 25.94
C GLU A 256 -10.30 -6.23 26.07
N LYS A 257 -10.43 -7.31 25.30
CA LYS A 257 -11.59 -8.20 25.38
C LYS A 257 -12.89 -7.53 25.02
N LYS A 258 -12.80 -6.52 24.17
CA LYS A 258 -13.96 -5.81 23.71
C LYS A 258 -14.66 -6.64 22.64
N ASP A 259 -15.98 -6.46 22.52
CA ASP A 259 -16.81 -7.17 21.55
C ASP A 259 -16.46 -6.75 20.14
N ALA A 260 -16.45 -7.70 19.21
CA ALA A 260 -16.08 -7.40 17.83
C ALA A 260 -16.98 -6.33 17.19
N ARG A 261 -18.29 -6.39 17.45
CA ARG A 261 -19.21 -5.41 16.87
C ARG A 261 -18.94 -3.98 17.38
N GLU A 262 -18.66 -3.85 18.67
CA GLU A 262 -18.34 -2.55 19.27
C GLU A 262 -17.03 -1.97 18.76
N ILE A 263 -16.01 -2.82 18.63
CA ILE A 263 -14.75 -2.40 18.06
C ILE A 263 -15.00 -1.87 16.67
N ALA A 264 -15.77 -2.61 15.88
CA ALA A 264 -16.10 -2.19 14.53
C ALA A 264 -16.85 -0.88 14.53
N MET A 265 -17.85 -0.78 15.41
CA MET A 265 -18.70 0.40 15.46
C MET A 265 -17.91 1.65 15.83
N SER A 266 -17.00 1.50 16.79
CA SER A 266 -16.18 2.62 17.24
C SER A 266 -15.33 3.11 16.09
N PHE A 267 -14.72 2.18 15.35
CA PHE A 267 -13.92 2.55 14.19
C PHE A 267 -14.76 3.29 13.16
N LEU A 268 -15.94 2.77 12.86
CA LEU A 268 -16.76 3.37 11.81
C LEU A 268 -17.24 4.77 12.20
N LYS A 269 -17.59 4.94 13.47
CA LYS A 269 -17.95 6.25 14.01
C LYS A 269 -16.80 7.23 13.91
N GLU A 270 -15.59 6.81 14.32
CA GLU A 270 -14.40 7.67 14.29
C GLU A 270 -14.08 8.15 12.88
N GLN A 271 -14.29 7.26 11.91
CA GLN A 271 -13.94 7.50 10.51
C GLN A 271 -15.05 8.19 9.72
N GLY A 272 -16.19 8.44 10.38
CA GLY A 272 -17.31 9.12 9.75
C GLY A 272 -18.02 8.25 8.74
N LEU A 273 -17.88 6.93 8.88
CA LEU A 273 -18.51 5.98 7.98
C LEU A 273 -19.89 5.58 8.50
N VAL A 274 -20.12 5.76 9.80
CA VAL A 274 -21.46 5.83 10.36
C VAL A 274 -21.51 6.99 11.35
N LYS A 275 -22.69 7.59 11.50
CA LYS A 275 -22.88 8.75 12.38
C LYS A 275 -23.67 8.36 13.64
N GLU B 6 -17.83 14.94 -24.89
CA GLU B 6 -17.33 15.94 -23.89
C GLU B 6 -15.81 15.88 -23.75
N ARG B 7 -15.19 17.04 -23.51
CA ARG B 7 -13.74 17.19 -23.61
C ARG B 7 -13.06 17.24 -22.25
N VAL B 8 -12.02 16.43 -22.08
CA VAL B 8 -11.37 16.27 -20.79
C VAL B 8 -9.89 16.59 -20.92
N VAL B 9 -9.47 17.64 -20.23
CA VAL B 9 -8.10 18.11 -20.25
C VAL B 9 -7.44 17.65 -18.93
N ILE B 10 -6.32 16.96 -19.06
CA ILE B 10 -5.62 16.33 -17.96
C ILE B 10 -4.35 17.16 -17.75
N GLY B 11 -4.21 17.72 -16.57
CA GLY B 11 -3.01 18.44 -16.19
C GLY B 11 -1.84 17.51 -15.92
N SER B 12 -0.68 18.13 -15.82
CA SER B 12 0.54 17.43 -15.48
C SER B 12 1.52 18.37 -14.79
N LYS B 13 2.22 17.85 -13.80
CA LYS B 13 3.45 18.43 -13.29
C LYS B 13 4.54 17.89 -14.19
N PRO B 14 5.71 18.54 -14.25
CA PRO B 14 6.66 18.28 -15.34
C PRO B 14 7.64 17.14 -15.08
N PHE B 15 7.17 15.92 -15.08
CA PHE B 15 8.08 14.78 -14.94
C PHE B 15 7.44 13.46 -15.34
N ASN B 16 8.31 12.48 -15.56
CA ASN B 16 8.01 11.20 -16.18
C ASN B 16 6.58 10.67 -15.97
N GLU B 17 6.26 10.30 -14.75
CA GLU B 17 5.05 9.54 -14.49
C GLU B 17 3.85 10.42 -14.71
N GLN B 18 4.02 11.72 -14.56
CA GLN B 18 2.93 12.66 -14.83
C GLN B 18 2.52 12.54 -16.29
N TYR B 19 3.50 12.58 -17.18
CA TYR B 19 3.29 12.42 -18.61
C TYR B 19 2.69 11.06 -18.93
N ILE B 20 3.27 10.00 -18.34
CA ILE B 20 2.82 8.65 -18.63
C ILE B 20 1.39 8.42 -18.15
N LEU B 21 1.12 8.84 -16.92
CA LEU B 21 -0.17 8.60 -16.30
C LEU B 21 -1.27 9.50 -16.87
N ALA B 22 -0.95 10.72 -17.24
CA ALA B 22 -1.96 11.60 -17.82
C ALA B 22 -2.36 11.01 -19.16
N ASN B 23 -1.38 10.48 -19.86
CA ASN B 23 -1.63 9.80 -21.14
C ASN B 23 -2.38 8.50 -20.98
N MET B 24 -2.09 7.79 -19.90
CA MET B 24 -2.80 6.56 -19.57
C MET B 24 -4.27 6.90 -19.37
N ILE B 25 -4.51 7.94 -18.58
CA ILE B 25 -5.89 8.33 -18.30
C ILE B 25 -6.56 8.80 -19.59
N ALA B 26 -5.81 9.51 -20.43
CA ALA B 26 -6.32 10.03 -21.70
C ALA B 26 -6.80 8.88 -22.59
N ILE B 27 -6.02 7.80 -22.64
CA ILE B 27 -6.28 6.64 -23.49
C ILE B 27 -7.51 5.90 -22.98
N LEU B 28 -7.59 5.71 -21.67
CA LEU B 28 -8.72 5.05 -21.07
C LEU B 28 -10.02 5.83 -21.28
N LEU B 29 -9.94 7.13 -21.10
CA LEU B 29 -11.10 8.00 -21.33
C LEU B 29 -11.51 7.93 -22.79
N GLU B 30 -10.52 7.95 -23.68
CA GLU B 30 -10.77 7.88 -25.12
C GLU B 30 -11.40 6.57 -25.53
N GLU B 31 -11.00 5.48 -24.87
CA GLU B 31 -11.56 4.17 -25.17
C GLU B 31 -13.00 4.05 -24.66
N ASN B 32 -13.44 5.05 -23.89
CA ASN B 32 -14.75 5.06 -23.25
C ASN B 32 -15.62 6.23 -23.71
N GLY B 33 -15.34 6.70 -24.93
CA GLY B 33 -16.19 7.66 -25.60
C GLY B 33 -15.77 9.10 -25.46
N TYR B 34 -14.73 9.38 -24.68
CA TYR B 34 -14.34 10.77 -24.40
C TYR B 34 -13.27 11.24 -25.36
N LYS B 35 -13.25 12.55 -25.55
CA LYS B 35 -12.11 13.22 -26.11
C LYS B 35 -11.28 13.62 -24.88
N ALA B 36 -9.97 13.38 -24.93
CA ALA B 36 -9.15 13.71 -23.78
C ALA B 36 -7.76 14.00 -24.23
N GLU B 37 -7.18 15.04 -23.66
CA GLU B 37 -5.86 15.49 -24.06
C GLU B 37 -5.05 15.81 -22.80
N VAL B 38 -3.73 15.68 -22.91
CA VAL B 38 -2.83 16.01 -21.82
C VAL B 38 -2.29 17.41 -22.03
N LYS B 39 -2.51 18.27 -21.03
CA LYS B 39 -1.93 19.59 -21.00
C LYS B 39 -0.58 19.55 -20.30
N GLU B 40 0.47 19.85 -21.04
CA GLU B 40 1.81 20.00 -20.49
C GLU B 40 2.19 21.48 -20.34
N GLY B 41 3.12 21.74 -19.43
CA GLY B 41 3.71 23.05 -19.28
C GLY B 41 2.98 24.09 -18.43
N LEU B 42 1.91 23.70 -17.75
CA LEU B 42 1.20 24.65 -16.87
C LEU B 42 2.09 25.13 -15.74
N GLY B 43 2.86 24.19 -15.19
CA GLY B 43 3.69 24.45 -14.03
C GLY B 43 3.62 23.31 -13.03
N GLY B 44 3.77 23.65 -11.76
CA GLY B 44 3.85 22.68 -10.69
C GLY B 44 2.52 22.45 -10.02
N THR B 45 2.60 22.04 -8.76
CA THR B 45 1.44 21.72 -7.97
C THR B 45 0.39 22.83 -7.92
N LEU B 46 0.80 24.01 -7.46
CA LEU B 46 -0.19 25.05 -7.15
C LEU B 46 -0.91 25.50 -8.42
N VAL B 47 -0.18 25.62 -9.51
CA VAL B 47 -0.75 26.02 -10.79
C VAL B 47 -1.70 24.94 -11.31
N ASN B 48 -1.31 23.67 -11.22
CA ASN B 48 -2.22 22.63 -11.68
C ASN B 48 -3.48 22.64 -10.82
N TYR B 49 -3.31 22.88 -9.53
CA TYR B 49 -4.44 22.77 -8.64
C TYR B 49 -5.44 23.92 -8.85
N GLU B 50 -4.93 25.13 -9.12
CA GLU B 50 -5.78 26.29 -9.44
C GLU B 50 -6.51 26.03 -10.76
N ALA B 51 -5.75 25.62 -11.76
CA ALA B 51 -6.31 25.21 -13.05
C ALA B 51 -7.44 24.22 -12.82
N LEU B 52 -7.21 23.27 -11.92
CA LEU B 52 -8.22 22.28 -11.63
C LEU B 52 -9.51 22.90 -11.07
N LYS B 53 -9.37 23.77 -10.07
CA LYS B 53 -10.53 24.40 -9.42
C LYS B 53 -11.31 25.32 -10.37
N ARG B 54 -10.61 25.91 -11.33
CA ARG B 54 -11.17 26.87 -12.26
C ARG B 54 -11.60 26.21 -13.57
N ASN B 55 -11.45 24.87 -13.60
CA ASN B 55 -11.90 24.05 -14.73
C ASN B 55 -11.10 24.23 -16.02
N ASP B 56 -9.89 24.79 -15.90
CA ASP B 56 -8.96 24.84 -17.02
C ASP B 56 -8.44 23.47 -17.35
N ILE B 57 -8.37 22.64 -16.31
CA ILE B 57 -8.23 21.21 -16.45
C ILE B 57 -9.30 20.57 -15.59
N GLN B 58 -9.60 19.33 -15.89
CA GLN B 58 -10.67 18.57 -15.25
C GLN B 58 -10.13 17.54 -14.24
N LEU B 59 -8.89 17.12 -14.41
CA LEU B 59 -8.26 16.23 -13.44
C LEU B 59 -6.75 16.24 -13.64
N TYR B 60 -6.02 15.89 -12.61
CA TYR B 60 -4.62 15.51 -12.79
C TYR B 60 -4.20 14.54 -11.68
N VAL B 61 -2.94 14.09 -11.75
CA VAL B 61 -2.39 13.19 -10.75
C VAL B 61 -1.62 14.01 -9.74
N GLU B 62 -2.08 13.93 -8.49
CA GLU B 62 -1.50 14.63 -7.38
C GLU B 62 -0.98 13.57 -6.41
N TYR B 63 -0.38 13.99 -5.31
CA TYR B 63 0.15 13.05 -4.32
C TYR B 63 -0.38 13.45 -2.97
N THR B 64 -0.66 12.49 -2.10
CA THR B 64 -1.28 12.82 -0.82
C THR B 64 -0.49 13.84 -0.01
N GLY B 65 0.81 13.60 0.17
CA GLY B 65 1.62 14.49 0.95
C GLY B 65 1.68 15.90 0.41
N THR B 66 1.58 16.02 -0.91
CA THR B 66 1.55 17.33 -1.56
C THR B 66 0.23 18.03 -1.30
N ALA B 67 -0.87 17.32 -1.46
CA ALA B 67 -2.19 17.90 -1.22
C ALA B 67 -2.37 18.30 0.24
N TYR B 68 -1.81 17.51 1.15
CA TYR B 68 -1.90 17.76 2.58
C TYR B 68 -1.14 19.02 2.95
N ASN B 69 0.13 19.08 2.55
CA ASN B 69 1.05 20.11 2.99
C ASN B 69 1.03 21.35 2.14
N VAL B 70 0.92 21.17 0.83
CA VAL B 70 1.06 22.26 -0.12
C VAL B 70 -0.30 22.93 -0.42
N ILE B 71 -1.29 22.11 -0.78
CA ILE B 71 -2.57 22.61 -1.28
C ILE B 71 -3.43 22.97 -0.09
N LEU B 72 -3.61 22.01 0.81
CA LEU B 72 -4.49 22.17 1.95
C LEU B 72 -3.82 22.94 3.09
N ARG B 73 -2.50 23.04 3.02
CA ARG B 73 -1.69 23.75 4.02
C ARG B 73 -1.93 23.29 5.47
N LYS B 74 -2.02 21.98 5.66
CA LYS B 74 -2.23 21.41 6.97
C LYS B 74 -0.91 21.26 7.68
N GLN B 75 -0.96 21.22 9.00
CA GLN B 75 0.24 21.15 9.80
C GLN B 75 0.67 19.69 9.89
N PRO B 76 1.97 19.43 9.72
CA PRO B 76 2.47 18.06 9.89
C PRO B 76 2.03 17.53 11.26
N PRO B 77 1.48 16.32 11.33
CA PRO B 77 1.21 15.68 12.62
C PRO B 77 2.52 15.18 13.22
N GLU B 78 2.48 14.62 14.42
CA GLU B 78 3.72 14.21 15.09
C GLU B 78 4.38 13.10 14.27
N LEU B 79 3.56 12.13 13.83
CA LEU B 79 3.99 11.05 12.96
C LEU B 79 3.25 11.12 11.66
N TRP B 80 3.91 10.73 10.58
CA TRP B 80 3.26 10.63 9.30
C TRP B 80 2.64 9.25 9.15
N ASP B 81 1.35 9.24 8.88
CA ASP B 81 0.62 8.02 8.67
C ASP B 81 -0.03 8.13 7.28
N GLN B 82 0.40 7.26 6.37
CA GLN B 82 -0.10 7.25 5.00
C GLN B 82 -1.63 7.31 4.88
N GLN B 83 -2.35 6.37 5.47
CA GLN B 83 -3.81 6.36 5.31
C GLN B 83 -4.49 7.57 5.96
N TYR B 84 -3.98 8.04 7.09
CA TYR B 84 -4.51 9.23 7.70
C TYR B 84 -4.38 10.41 6.75
N ILE B 85 -3.20 10.57 6.17
CA ILE B 85 -2.96 11.66 5.24
C ILE B 85 -3.91 11.55 4.07
N PHE B 86 -4.11 10.33 3.55
CA PHE B 86 -5.02 10.11 2.44
C PHE B 86 -6.46 10.54 2.80
N ASP B 87 -6.96 10.04 3.93
CA ASP B 87 -8.30 10.34 4.43
C ASP B 87 -8.46 11.85 4.59
N GLU B 88 -7.44 12.49 5.18
CA GLU B 88 -7.50 13.93 5.42
C GLU B 88 -7.46 14.72 4.12
N VAL B 89 -6.73 14.21 3.14
CA VAL B 89 -6.64 14.82 1.83
C VAL B 89 -7.98 14.74 1.12
N LYS B 90 -8.57 13.56 1.08
CA LYS B 90 -9.86 13.32 0.44
C LYS B 90 -10.96 14.14 1.09
N LYS B 91 -11.04 14.08 2.42
CA LYS B 91 -11.93 14.96 3.18
C LYS B 91 -11.66 16.44 2.90
N GLY B 92 -10.39 16.85 2.99
CA GLY B 92 -10.03 18.26 2.84
C GLY B 92 -10.31 18.87 1.48
N LEU B 93 -9.94 18.17 0.42
CA LEU B 93 -10.08 18.68 -0.93
C LEU B 93 -11.58 18.82 -1.27
N LEU B 94 -12.38 17.86 -0.80
CA LEU B 94 -13.82 17.84 -1.01
C LEU B 94 -14.48 19.01 -0.26
N GLU B 95 -14.11 19.17 0.99
CA GLU B 95 -14.74 20.15 1.88
C GLU B 95 -14.38 21.58 1.49
N ALA B 96 -13.12 21.80 1.11
CA ALA B 96 -12.65 23.12 0.77
C ALA B 96 -13.10 23.52 -0.63
N ASP B 97 -12.84 22.63 -1.60
CA ASP B 97 -12.87 23.00 -3.01
C ASP B 97 -13.77 22.14 -3.89
N GLY B 98 -14.45 21.16 -3.30
CA GLY B 98 -15.26 20.24 -4.06
C GLY B 98 -14.49 19.23 -4.92
N VAL B 99 -13.17 19.20 -4.76
CA VAL B 99 -12.33 18.29 -5.52
C VAL B 99 -12.46 16.88 -4.95
N VAL B 100 -12.54 15.90 -5.85
CA VAL B 100 -12.77 14.50 -5.51
C VAL B 100 -11.54 13.67 -5.81
N VAL B 101 -11.11 12.87 -4.86
CA VAL B 101 -10.04 11.91 -5.10
C VAL B 101 -10.73 10.71 -5.74
N ALA B 102 -10.66 10.62 -7.06
CA ALA B 102 -11.33 9.55 -7.78
C ALA B 102 -10.66 8.20 -7.59
N ALA B 103 -9.33 8.20 -7.46
CA ALA B 103 -8.62 6.93 -7.39
C ALA B 103 -7.24 7.10 -6.80
N LYS B 104 -6.79 6.03 -6.15
CA LYS B 104 -5.42 5.85 -5.67
C LYS B 104 -4.78 4.97 -6.74
N LEU B 105 -3.60 5.34 -7.23
CA LEU B 105 -2.99 4.67 -8.37
C LEU B 105 -2.27 3.38 -7.98
N GLY B 106 -1.87 3.27 -6.73
CA GLY B 106 -1.21 2.10 -6.22
C GLY B 106 0.23 2.33 -5.84
N PHE B 107 0.78 3.53 -6.03
CA PHE B 107 2.19 3.75 -5.69
C PHE B 107 2.46 5.05 -4.99
N ARG B 108 3.57 5.08 -4.26
CA ARG B 108 4.13 6.30 -3.71
C ARG B 108 5.34 6.68 -4.53
N ASP B 109 5.42 7.95 -4.87
CA ASP B 109 6.63 8.53 -5.41
C ASP B 109 7.01 9.62 -4.43
N ASP B 110 7.82 9.25 -3.44
CA ASP B 110 8.19 10.19 -2.39
C ASP B 110 9.34 11.07 -2.81
N TYR B 111 9.44 12.24 -2.19
CA TYR B 111 10.72 12.96 -2.14
C TYR B 111 11.56 12.18 -1.15
N ALA B 112 12.83 12.03 -1.48
CA ALA B 112 13.82 11.39 -0.65
C ALA B 112 15.14 12.05 -0.98
N LEU B 113 15.82 12.56 0.02
CA LEU B 113 17.07 13.23 -0.22
C LEU B 113 18.09 12.19 -0.65
N ALA B 114 18.82 12.53 -1.70
CA ALA B 114 19.85 11.64 -2.21
C ALA B 114 21.15 12.40 -2.37
N VAL B 115 22.24 11.68 -2.15
CA VAL B 115 23.59 12.16 -2.35
C VAL B 115 24.30 11.16 -3.28
N ARG B 116 25.45 11.53 -3.84
CA ARG B 116 26.29 10.57 -4.56
C ARG B 116 26.73 9.50 -3.59
N ALA B 117 26.66 8.23 -3.98
CA ALA B 117 26.93 7.12 -3.08
C ALA B 117 28.40 7.05 -2.62
N ASP B 118 29.33 7.52 -3.45
CA ASP B 118 30.76 7.46 -3.06
C ASP B 118 30.99 8.45 -1.93
N TRP B 119 30.42 9.64 -2.06
CA TRP B 119 30.50 10.70 -1.06
C TRP B 119 29.88 10.24 0.27
N ALA B 120 28.73 9.57 0.16
CA ALA B 120 28.01 9.09 1.32
C ALA B 120 28.79 8.02 2.05
N GLU B 121 29.33 7.06 1.31
CA GLU B 121 30.05 5.95 1.92
C GLU B 121 31.36 6.47 2.56
N GLU B 122 32.01 7.43 1.92
CA GLU B 122 33.26 7.98 2.44
C GLU B 122 33.01 8.68 3.77
N ASN B 123 31.87 9.37 3.85
CA ASN B 123 31.54 10.22 4.97
C ASN B 123 30.58 9.57 5.99
N GLY B 124 30.29 8.28 5.84
CA GLY B 124 29.39 7.57 6.75
C GLY B 124 27.97 8.13 6.78
N VAL B 125 27.53 8.68 5.66
CA VAL B 125 26.19 9.23 5.55
C VAL B 125 25.18 8.18 5.09
N GLU B 126 24.22 7.91 5.97
CA GLU B 126 23.18 6.93 5.75
C GLU B 126 21.78 7.56 5.84
N LYS B 127 21.65 8.58 6.69
CA LYS B 127 20.35 9.20 6.95
C LYS B 127 20.48 10.71 6.92
N ILE B 128 19.36 11.42 6.87
CA ILE B 128 19.39 12.84 6.61
C ILE B 128 20.12 13.60 7.72
N SER B 129 19.98 13.15 8.97
CA SER B 129 20.63 13.83 10.07
C SER B 129 22.17 13.66 10.00
N ASP B 130 22.65 12.67 9.24
CA ASP B 130 24.10 12.55 9.01
C ASP B 130 24.65 13.70 8.18
N LEU B 131 23.76 14.41 7.48
CA LEU B 131 24.13 15.56 6.66
C LEU B 131 24.42 16.80 7.48
N ALA B 132 23.95 16.83 8.72
CA ALA B 132 24.03 18.02 9.54
C ALA B 132 25.45 18.53 9.59
N GLU B 133 26.40 17.62 9.81
CA GLU B 133 27.82 17.94 9.82
C GLU B 133 28.26 18.71 8.57
N PHE B 134 27.71 18.33 7.42
CA PHE B 134 28.14 18.83 6.11
C PHE B 134 27.23 19.86 5.47
N ALA B 135 26.01 20.04 5.99
CA ALA B 135 24.94 20.71 5.22
C ALA B 135 25.32 22.06 4.64
N ASP B 136 25.92 22.90 5.48
CA ASP B 136 26.26 24.26 5.07
C ASP B 136 27.44 24.37 4.10
N GLN B 137 28.02 23.24 3.70
CA GLN B 137 28.98 23.18 2.61
C GLN B 137 28.42 22.50 1.35
N LEU B 138 27.21 21.92 1.43
CA LEU B 138 26.62 21.17 0.32
C LEU B 138 25.63 21.99 -0.50
N VAL B 139 25.68 21.83 -1.82
CA VAL B 139 24.80 22.52 -2.74
C VAL B 139 23.58 21.62 -2.94
N PHE B 140 22.39 22.18 -2.76
CA PHE B 140 21.15 21.45 -2.95
C PHE B 140 20.61 21.79 -4.33
N GLY B 141 20.34 20.77 -5.13
CA GLY B 141 19.69 20.95 -6.42
C GLY B 141 18.24 20.57 -6.30
N SER B 142 17.38 21.56 -6.13
CA SER B 142 15.95 21.34 -6.08
C SER B 142 15.35 21.13 -7.47
N ASP B 143 14.19 20.48 -7.50
CA ASP B 143 13.28 20.54 -8.61
C ASP B 143 12.56 21.89 -8.46
N PRO B 144 11.58 22.25 -9.30
CA PRO B 144 10.96 23.58 -9.17
C PRO B 144 10.28 23.91 -7.84
N GLU B 145 9.89 22.92 -7.04
CA GLU B 145 9.04 23.14 -5.87
C GLU B 145 9.67 22.83 -4.52
N PHE B 146 10.56 21.85 -4.44
CA PHE B 146 11.02 21.38 -3.14
C PHE B 146 11.65 22.47 -2.28
N ALA B 147 12.32 23.43 -2.90
CA ALA B 147 13.02 24.47 -2.17
C ALA B 147 12.08 25.32 -1.35
N SER B 148 10.91 25.63 -1.90
CA SER B 148 10.01 26.63 -1.29
C SER B 148 8.72 26.07 -0.66
N ARG B 149 8.33 24.85 -1.02
CA ARG B 149 7.16 24.20 -0.45
C ARG B 149 7.34 23.99 1.04
N PRO B 150 6.25 24.02 1.80
CA PRO B 150 6.35 23.87 3.26
C PRO B 150 6.83 22.48 3.67
N ASP B 151 6.62 21.47 2.85
CA ASP B 151 7.12 20.12 3.14
C ASP B 151 8.48 19.79 2.55
N GLY B 152 9.12 20.78 1.93
CA GLY B 152 10.43 20.61 1.33
C GLY B 152 11.56 21.10 2.22
N LEU B 153 12.37 22.01 1.71
CA LEU B 153 13.54 22.50 2.45
C LEU B 153 13.18 23.19 3.76
N PRO B 154 12.09 23.95 3.82
CA PRO B 154 11.64 24.51 5.09
C PRO B 154 11.33 23.45 6.13
N GLN B 155 10.81 22.30 5.70
CA GLN B 155 10.58 21.20 6.61
C GLN B 155 11.90 20.49 6.99
N ILE B 156 12.81 20.32 6.06
CA ILE B 156 14.14 19.80 6.43
C ILE B 156 14.81 20.72 7.47
N LYS B 157 14.88 22.00 7.17
CA LYS B 157 15.39 23.02 8.08
C LYS B 157 14.86 22.87 9.51
N LYS B 158 13.54 22.85 9.63
CA LYS B 158 12.87 22.88 10.90
C LYS B 158 13.05 21.58 11.66
N VAL B 159 12.95 20.45 10.96
CA VAL B 159 13.01 19.15 11.61
C VAL B 159 14.47 18.78 11.94
N TYR B 160 15.37 19.01 11.01
CA TYR B 160 16.76 18.56 11.15
C TYR B 160 17.70 19.66 11.66
N GLY B 161 17.33 20.92 11.46
CA GLY B 161 18.04 22.03 12.02
C GLY B 161 19.22 22.44 11.18
N PHE B 162 19.10 22.29 9.88
CA PHE B 162 20.12 22.77 8.96
C PHE B 162 19.56 23.16 7.58
N GLU B 163 20.26 24.11 6.97
CA GLU B 163 20.05 24.49 5.58
C GLU B 163 21.35 24.22 4.84
N PHE B 164 21.24 24.23 3.52
CA PHE B 164 22.36 23.90 2.68
C PHE B 164 23.03 25.22 2.26
N LYS B 165 24.27 25.12 1.82
CA LYS B 165 25.06 26.28 1.39
C LYS B 165 24.36 27.10 0.31
N GLU B 166 23.89 26.40 -0.72
CA GLU B 166 23.25 27.03 -1.88
C GLU B 166 22.11 26.14 -2.37
N VAL B 167 21.02 26.75 -2.83
CA VAL B 167 19.91 26.05 -3.47
C VAL B 167 19.85 26.49 -4.91
N LYS B 168 19.92 25.52 -5.81
CA LYS B 168 19.69 25.74 -7.21
C LYS B 168 18.38 25.03 -7.53
N GLN B 169 17.58 25.63 -8.39
CA GLN B 169 16.39 24.99 -8.87
C GLN B 169 16.62 24.55 -10.28
N MET B 170 15.90 23.51 -10.68
CA MET B 170 15.95 23.01 -12.03
C MET B 170 14.74 22.12 -12.27
N GLU B 171 14.46 21.79 -13.52
CA GLU B 171 13.37 20.87 -13.85
C GLU B 171 13.69 19.50 -13.25
N PRO B 172 12.66 18.76 -12.85
CA PRO B 172 12.88 17.53 -12.12
C PRO B 172 13.89 16.62 -12.79
N THR B 173 13.78 16.46 -14.10
CA THR B 173 14.55 15.43 -14.76
C THR B 173 16.03 15.81 -14.84
N LEU B 174 16.35 17.08 -14.65
CA LEU B 174 17.74 17.52 -14.68
C LEU B 174 18.50 17.23 -13.38
N MET B 175 17.77 16.93 -12.31
CA MET B 175 18.36 16.72 -11.00
C MET B 175 19.40 15.62 -11.00
N TYR B 176 19.12 14.52 -11.70
CA TYR B 176 19.91 13.30 -11.51
C TYR B 176 21.29 13.42 -12.17
N GLU B 177 21.34 13.99 -13.36
CA GLU B 177 22.59 14.26 -14.03
C GLU B 177 23.33 15.39 -13.29
N ALA B 178 22.62 16.42 -12.82
CA ALA B 178 23.26 17.51 -12.08
C ALA B 178 23.98 17.05 -10.79
N ILE B 179 23.44 16.06 -10.09
CA ILE B 179 24.11 15.55 -8.89
C ILE B 179 25.18 14.55 -9.28
N LYS B 180 24.92 13.76 -10.31
CA LYS B 180 25.90 12.82 -10.82
C LYS B 180 27.19 13.54 -11.22
N ASN B 181 27.03 14.70 -11.83
CA ASN B 181 28.16 15.44 -12.40
C ASN B 181 28.67 16.53 -11.48
N LYS B 182 28.24 16.45 -10.21
CA LYS B 182 28.80 17.24 -9.12
C LYS B 182 28.44 18.72 -9.16
N GLN B 183 27.51 19.10 -9.99
CA GLN B 183 27.00 20.46 -10.00
C GLN B 183 26.18 20.78 -8.75
N VAL B 184 25.58 19.74 -8.16
CA VAL B 184 24.95 19.84 -6.86
C VAL B 184 25.33 18.57 -6.08
N ASP B 185 25.13 18.62 -4.77
CA ASP B 185 25.51 17.53 -3.89
C ASP B 185 24.35 16.74 -3.31
N VAL B 186 23.18 17.36 -3.29
CA VAL B 186 22.01 16.76 -2.67
C VAL B 186 20.81 17.12 -3.52
N ILE B 187 19.94 16.14 -3.76
CA ILE B 187 18.70 16.38 -4.47
C ILE B 187 17.55 15.72 -3.76
N PRO B 188 16.35 16.24 -3.96
CA PRO B 188 15.15 15.55 -3.51
C PRO B 188 14.68 14.65 -4.64
N ALA B 189 15.34 13.51 -4.72
CA ALA B 189 15.07 12.51 -5.72
C ALA B 189 13.66 12.00 -5.53
N TYR B 190 13.08 11.59 -6.62
CA TYR B 190 11.75 10.99 -6.63
C TYR B 190 11.97 9.50 -6.51
N THR B 191 11.30 8.83 -5.58
CA THR B 191 11.63 7.40 -5.38
C THR B 191 11.18 6.45 -6.51
N THR B 192 10.32 6.90 -7.42
CA THR B 192 10.01 6.11 -8.63
C THR B 192 10.95 6.33 -9.79
N ASP B 193 12.08 7.00 -9.54
CA ASP B 193 13.06 7.23 -10.58
C ASP B 193 14.34 6.42 -10.35
N SER B 194 14.56 5.44 -11.22
CA SER B 194 15.66 4.49 -11.06
C SER B 194 16.99 5.11 -11.43
N ARG B 195 16.97 6.36 -11.86
CA ARG B 195 18.22 7.06 -12.10
C ARG B 195 18.99 7.25 -10.80
N VAL B 196 18.29 7.16 -9.67
CA VAL B 196 18.96 7.14 -8.38
C VAL B 196 19.98 5.99 -8.34
N ASP B 197 19.52 4.78 -8.62
CA ASP B 197 20.43 3.62 -8.74
C ASP B 197 21.39 3.73 -9.94
N LEU B 198 20.86 4.14 -11.09
CA LEU B 198 21.60 4.09 -12.33
C LEU B 198 22.81 5.03 -12.25
N PHE B 199 22.62 6.17 -11.60
CA PHE B 199 23.67 7.19 -11.47
C PHE B 199 24.43 7.08 -10.16
N ASN B 200 24.28 5.97 -9.46
CA ASN B 200 25.07 5.69 -8.26
C ASN B 200 24.83 6.73 -7.16
N LEU B 201 23.55 7.02 -6.92
CA LEU B 201 23.15 7.90 -5.83
C LEU B 201 22.68 7.07 -4.66
N LYS B 202 22.64 7.68 -3.49
CA LYS B 202 22.18 6.97 -2.30
C LYS B 202 21.06 7.79 -1.68
N ILE B 203 19.89 7.17 -1.55
CA ILE B 203 18.74 7.74 -0.88
C ILE B 203 19.06 7.67 0.59
N LEU B 204 18.91 8.79 1.28
CA LEU B 204 19.09 8.84 2.72
C LEU B 204 17.80 8.51 3.46
N GLU B 205 17.93 7.74 4.53
CA GLU B 205 16.83 7.53 5.46
C GLU B 205 16.41 8.86 6.07
N ASP B 206 15.11 9.11 6.05
CA ASP B 206 14.50 10.25 6.70
C ASP B 206 14.26 9.86 8.18
N ASP B 207 15.33 9.87 8.96
CA ASP B 207 15.33 9.31 10.30
C ASP B 207 14.45 10.06 11.30
N LYS B 208 14.18 11.33 11.04
CA LYS B 208 13.39 12.15 11.93
C LYS B 208 12.01 12.41 11.35
N GLY B 209 11.74 11.79 10.21
CA GLY B 209 10.40 11.75 9.68
C GLY B 209 9.88 13.09 9.23
N ALA B 210 10.74 13.89 8.61
CA ALA B 210 10.34 15.18 8.05
C ALA B 210 9.31 15.07 6.93
N LEU B 211 9.52 14.13 6.02
CA LEU B 211 8.76 14.12 4.78
C LEU B 211 7.56 13.18 4.84
N PRO B 212 6.45 13.66 4.31
CA PRO B 212 5.23 12.87 4.27
C PRO B 212 5.29 11.77 3.21
N PRO B 213 4.34 10.85 3.25
CA PRO B 213 4.15 9.92 2.15
C PRO B 213 3.52 10.65 0.99
N TYR B 214 3.90 10.30 -0.22
CA TYR B 214 3.36 10.90 -1.42
C TYR B 214 2.72 9.84 -2.27
N ASP B 215 1.51 9.47 -1.87
CA ASP B 215 0.75 8.46 -2.57
C ASP B 215 0.02 9.11 -3.75
N ALA B 216 0.17 8.52 -4.92
CA ALA B 216 -0.38 9.10 -6.15
C ALA B 216 -1.87 8.88 -6.20
N ILE B 217 -2.59 9.95 -6.49
CA ILE B 217 -4.04 9.91 -6.56
C ILE B 217 -4.48 10.67 -7.80
N ILE B 218 -5.60 10.26 -8.38
CA ILE B 218 -6.24 11.07 -9.40
C ILE B 218 -7.26 11.93 -8.68
N ILE B 219 -7.14 13.24 -8.85
CA ILE B 219 -8.10 14.18 -8.32
C ILE B 219 -8.81 14.89 -9.48
N VAL B 220 -10.07 15.21 -9.26
CA VAL B 220 -10.99 15.66 -10.30
C VAL B 220 -11.78 16.82 -9.72
N ASN B 221 -12.07 17.86 -10.51
CA ASN B 221 -12.89 18.95 -9.96
C ASN B 221 -14.34 18.51 -9.78
N GLY B 222 -15.10 19.26 -8.99
CA GLY B 222 -16.45 18.87 -8.60
C GLY B 222 -17.40 18.68 -9.78
N ASN B 223 -17.23 19.51 -10.79
CA ASN B 223 -18.06 19.48 -11.98
C ASN B 223 -17.86 18.18 -12.74
N THR B 224 -16.59 17.87 -12.99
CA THR B 224 -16.22 16.67 -13.70
C THR B 224 -16.61 15.44 -12.87
N ALA B 225 -16.57 15.57 -11.54
CA ALA B 225 -16.88 14.45 -10.65
C ALA B 225 -18.35 14.06 -10.66
N LYS B 226 -19.21 14.94 -11.17
CA LYS B 226 -20.63 14.61 -11.34
C LYS B 226 -20.84 13.58 -12.44
N ASP B 227 -19.86 13.43 -13.33
CA ASP B 227 -19.94 12.44 -14.40
C ASP B 227 -19.48 11.11 -13.86
N GLU B 228 -20.43 10.31 -13.38
CA GLU B 228 -20.14 9.01 -12.77
C GLU B 228 -19.45 8.04 -13.73
N LYS B 229 -19.73 8.18 -15.03
CA LYS B 229 -19.14 7.31 -16.04
C LYS B 229 -17.63 7.60 -16.18
N LEU B 230 -17.28 8.88 -16.19
CA LEU B 230 -15.90 9.35 -16.21
C LEU B 230 -15.17 8.84 -14.98
N ILE B 231 -15.78 9.03 -13.83
CA ILE B 231 -15.22 8.59 -12.56
C ILE B 231 -14.96 7.09 -12.58
N SER B 232 -15.92 6.32 -13.06
CA SER B 232 -15.76 4.85 -13.12
C SER B 232 -14.61 4.43 -14.05
N VAL B 233 -14.34 5.21 -15.10
CA VAL B 233 -13.17 4.96 -15.94
C VAL B 233 -11.87 5.21 -15.15
N LEU B 234 -11.80 6.33 -14.43
CA LEU B 234 -10.62 6.63 -13.63
C LEU B 234 -10.35 5.53 -12.58
N LYS B 235 -11.42 4.95 -12.06
CA LYS B 235 -11.33 3.94 -11.00
C LYS B 235 -10.84 2.60 -11.52
N LEU B 236 -10.81 2.44 -12.85
CA LEU B 236 -10.20 1.27 -13.47
C LEU B 236 -8.72 1.17 -13.11
N LEU B 237 -8.11 2.31 -12.77
CA LEU B 237 -6.69 2.37 -12.41
C LEU B 237 -6.44 2.20 -10.91
N GLU B 238 -7.51 1.97 -10.13
CA GLU B 238 -7.39 1.84 -8.69
C GLU B 238 -6.35 0.75 -8.33
N ASP B 239 -5.32 1.18 -7.61
CA ASP B 239 -4.23 0.33 -7.12
C ASP B 239 -3.52 -0.49 -8.20
N ARG B 240 -3.61 -0.06 -9.46
CA ARG B 240 -3.13 -0.86 -10.57
C ARG B 240 -1.65 -0.64 -10.91
N ILE B 241 -1.09 0.48 -10.43
CA ILE B 241 0.30 0.83 -10.67
C ILE B 241 1.09 0.90 -9.38
N ASP B 242 1.94 -0.09 -9.10
CA ASP B 242 2.75 -0.08 -7.88
C ASP B 242 4.11 0.59 -8.16
N THR B 243 4.94 0.72 -7.15
CA THR B 243 6.19 1.47 -7.32
C THR B 243 7.13 0.88 -8.34
N ASP B 244 7.28 -0.44 -8.38
CA ASP B 244 8.25 -1.02 -9.33
C ASP B 244 7.73 -0.86 -10.77
N THR B 245 6.41 -0.88 -10.94
CA THR B 245 5.82 -0.69 -12.24
C THR B 245 6.03 0.76 -12.64
N MET B 246 5.71 1.70 -11.75
CA MET B 246 5.90 3.11 -12.10
C MET B 246 7.36 3.37 -12.42
N ARG B 247 8.24 2.78 -11.62
CA ARG B 247 9.68 2.89 -11.83
C ARG B 247 10.07 2.38 -13.21
N ALA B 248 9.58 1.22 -13.61
CA ALA B 248 9.91 0.66 -14.94
C ALA B 248 9.39 1.53 -16.08
N LEU B 249 8.16 2.03 -15.96
CA LEU B 249 7.59 2.90 -16.98
C LEU B 249 8.35 4.20 -17.10
N ASN B 250 8.72 4.77 -15.96
CA ASN B 250 9.50 6.01 -15.89
C ASN B 250 10.86 5.79 -16.56
N TYR B 251 11.43 4.61 -16.33
CA TYR B 251 12.68 4.24 -16.95
C TYR B 251 12.51 4.22 -18.46
N GLN B 252 11.41 3.66 -18.92
CA GLN B 252 11.12 3.64 -20.35
C GLN B 252 11.07 5.05 -20.91
N TYR B 253 10.61 6.01 -20.12
CA TYR B 253 10.59 7.41 -20.55
C TYR B 253 11.95 8.11 -20.45
N ASP B 254 12.60 8.04 -19.30
CA ASP B 254 13.79 8.85 -19.06
C ASP B 254 15.06 8.28 -19.68
N VAL B 255 15.15 6.96 -19.76
CA VAL B 255 16.36 6.28 -20.23
C VAL B 255 16.18 5.74 -21.64
N GLU B 256 15.09 5.01 -21.88
CA GLU B 256 14.82 4.42 -23.19
C GLU B 256 14.29 5.45 -24.18
N LYS B 257 13.81 6.57 -23.65
CA LYS B 257 13.36 7.72 -24.43
C LYS B 257 12.08 7.47 -25.20
N LYS B 258 11.29 6.49 -24.75
CA LYS B 258 10.02 6.20 -25.37
C LYS B 258 9.03 7.37 -25.12
N ASP B 259 8.10 7.54 -26.06
CA ASP B 259 6.99 8.49 -25.93
C ASP B 259 6.12 8.15 -24.70
N ALA B 260 5.61 9.15 -23.99
CA ALA B 260 4.79 8.90 -22.81
C ALA B 260 3.54 8.13 -23.21
N ARG B 261 2.93 8.51 -24.34
CA ARG B 261 1.72 7.85 -24.81
C ARG B 261 1.97 6.40 -25.16
N GLU B 262 3.08 6.12 -25.83
CA GLU B 262 3.51 4.76 -26.17
C GLU B 262 3.68 3.93 -24.90
N ILE B 263 4.36 4.50 -23.91
CA ILE B 263 4.59 3.82 -22.63
C ILE B 263 3.25 3.48 -21.97
N ALA B 264 2.33 4.44 -21.97
CA ALA B 264 1.04 4.23 -21.32
C ALA B 264 0.23 3.16 -22.06
N MET B 265 0.26 3.20 -23.39
CA MET B 265 -0.49 2.25 -24.20
C MET B 265 -0.01 0.84 -23.96
N SER B 266 1.31 0.63 -23.96
CA SER B 266 1.88 -0.69 -23.71
C SER B 266 1.44 -1.23 -22.39
N PHE B 267 1.55 -0.39 -21.36
CA PHE B 267 1.14 -0.82 -20.04
C PHE B 267 -0.33 -1.20 -20.03
N LEU B 268 -1.17 -0.36 -20.61
CA LEU B 268 -2.61 -0.58 -20.64
C LEU B 268 -2.98 -1.87 -21.39
N LYS B 269 -2.18 -2.20 -22.41
CA LYS B 269 -2.39 -3.42 -23.19
C LYS B 269 -1.97 -4.67 -22.42
N GLU B 270 -0.77 -4.68 -21.84
CA GLU B 270 -0.32 -5.84 -21.02
C GLU B 270 -1.26 -6.11 -19.83
N GLN B 271 -1.88 -5.06 -19.29
CA GLN B 271 -2.78 -5.18 -18.15
C GLN B 271 -4.24 -5.49 -18.55
N GLY B 272 -4.50 -5.63 -19.85
CA GLY B 272 -5.83 -5.97 -20.35
C GLY B 272 -6.87 -4.88 -20.25
N LEU B 273 -6.43 -3.65 -20.01
CA LEU B 273 -7.35 -2.51 -19.89
C LEU B 273 -7.74 -1.95 -21.24
N VAL B 274 -6.88 -2.14 -22.25
CA VAL B 274 -7.21 -1.80 -23.63
C VAL B 274 -6.77 -2.97 -24.53
N LYS B 275 -7.65 -3.38 -25.44
CA LYS B 275 -7.39 -4.57 -26.27
C LYS B 275 -6.39 -4.28 -27.39
#